data_2WA9
#
_entry.id   2WA9
#
_cell.length_a   171.910
_cell.length_b   155.870
_cell.length_c   71.230
_cell.angle_alpha   90.00
_cell.angle_beta   114.64
_cell.angle_gamma   90.00
#
_symmetry.space_group_name_H-M   'C 1 2 1'
#
loop_
_entity.id
_entity.type
_entity.pdbx_description
1 polymer 'ATP-DEPENDENT CLP PROTEASE ADAPTER PROTEIN CLPS'
2 polymer 'TRP PEPTIDE'
#
loop_
_entity_poly.entity_id
_entity_poly.type
_entity_poly.pdbx_seq_one_letter_code
_entity_poly.pdbx_strand_id
1 'polypeptide(L)'
;MGKTNDWLDFDQLAEEKVRDALKPPSMYKVILVNDDYTPMEFVIDVLQKFFSYDVERATQLMLAVHYQGKAICGVFTAEV
AETKVAMVNKYARENEHPLLCTLEKAGA
;
A,B,C,D,E,F,G
2 'polypeptide(L)' LLT H,I,J,K,L,M,N
#
# COMPACT_ATOMS: atom_id res chain seq x y z
N SER A 26 -15.33 -7.00 8.50
CA SER A 26 -14.08 -7.31 9.26
C SER A 26 -13.75 -6.16 10.21
N MET A 27 -13.79 -6.43 11.51
CA MET A 27 -13.35 -5.45 12.49
C MET A 27 -11.86 -5.63 12.75
N TYR A 28 -11.19 -4.50 12.95
CA TYR A 28 -9.75 -4.48 13.15
C TYR A 28 -9.35 -3.67 14.37
N LYS A 29 -8.53 -4.29 15.21
CA LYS A 29 -7.97 -3.61 16.39
C LYS A 29 -6.96 -2.64 15.84
N VAL A 30 -6.96 -1.42 16.33
CA VAL A 30 -5.91 -0.48 16.02
C VAL A 30 -5.09 -0.34 17.29
N ILE A 31 -3.86 -0.86 17.23
CA ILE A 31 -2.99 -1.00 18.38
C ILE A 31 -1.78 -0.06 18.34
N LEU A 32 -1.41 0.46 19.49
CA LEU A 32 -0.27 1.36 19.59
C LEU A 32 0.81 0.65 20.39
N VAL A 33 2.02 0.52 19.82
CA VAL A 33 3.09 -0.31 20.40
C VAL A 33 4.26 0.50 21.01
N ASN A 34 4.69 0.07 22.18
CA ASN A 34 5.66 0.82 23.02
C ASN A 34 7.08 0.90 22.46
N ASP A 35 7.75 2.01 22.74
CA ASP A 35 9.17 2.19 22.45
C ASP A 35 9.72 3.19 23.45
N ASP A 36 11.02 3.11 23.75
CA ASP A 36 11.63 3.88 24.85
C ASP A 36 11.85 5.32 24.51
N TYR A 37 11.43 5.72 23.31
CA TYR A 37 11.89 7.00 22.79
C TYR A 37 10.83 8.03 22.54
N THR A 38 9.63 7.58 22.13
CA THR A 38 8.51 8.48 21.85
C THR A 38 8.04 9.13 23.13
N PRO A 39 8.07 10.47 23.19
CA PRO A 39 7.52 11.21 24.32
C PRO A 39 6.07 10.83 24.63
N MET A 40 5.67 10.97 25.90
CA MET A 40 4.31 10.69 26.34
C MET A 40 3.36 11.76 25.82
N GLU A 41 3.78 13.01 25.87
CA GLU A 41 2.97 14.09 25.29
C GLU A 41 2.57 13.68 23.89
N PHE A 42 3.51 13.16 23.12
CA PHE A 42 3.24 12.86 21.73
C PHE A 42 2.15 11.83 21.57
N VAL A 43 2.24 10.75 22.35
CA VAL A 43 1.21 9.69 22.38
C VAL A 43 -0.15 10.31 22.73
N ILE A 44 -0.16 11.27 23.65
CA ILE A 44 -1.37 12.01 23.97
C ILE A 44 -1.85 12.81 22.77
N ASP A 45 -0.92 13.52 22.14
CA ASP A 45 -1.19 14.24 20.88
C ASP A 45 -1.95 13.32 19.92
N VAL A 46 -1.33 12.18 19.61
CA VAL A 46 -1.89 11.16 18.73
C VAL A 46 -3.31 10.76 19.11
N LEU A 47 -3.50 10.49 20.40
CA LEU A 47 -4.77 9.96 20.89
C LEU A 47 -5.90 10.99 20.73
N GLN A 48 -5.57 12.27 20.92
CA GLN A 48 -6.52 13.35 20.78
C GLN A 48 -6.76 13.77 19.32
N LYS A 49 -5.76 13.59 18.45
CA LYS A 49 -5.84 14.06 17.07
C LYS A 49 -6.48 13.07 16.12
N PHE A 50 -6.25 11.78 16.35
CA PHE A 50 -6.67 10.73 15.44
C PHE A 50 -7.70 9.78 16.04
N PHE A 51 -8.06 9.98 17.31
CA PHE A 51 -9.09 9.11 17.94
C PHE A 51 -10.12 9.91 18.72
N SER A 52 -9.88 11.22 18.81
CA SER A 52 -10.81 12.17 19.46
C SER A 52 -11.09 11.85 20.92
N TYR A 53 -10.16 11.14 21.53
CA TYR A 53 -10.24 10.90 22.97
C TYR A 53 -10.05 12.22 23.70
N ASP A 54 -10.64 12.38 24.88
CA ASP A 54 -10.30 13.54 25.70
C ASP A 54 -8.99 13.31 26.47
N VAL A 55 -8.42 14.38 27.01
CA VAL A 55 -7.14 14.33 27.69
C VAL A 55 -7.11 13.20 28.71
N GLU A 56 -8.19 13.09 29.48
CA GLU A 56 -8.31 12.09 30.55
C GLU A 56 -8.07 10.66 30.04
N ARG A 57 -8.88 10.18 29.10
CA ARG A 57 -8.74 8.82 28.52
C ARG A 57 -7.38 8.61 27.82
N ALA A 58 -6.96 9.64 27.11
CA ALA A 58 -5.69 9.58 26.40
C ALA A 58 -4.56 9.19 27.35
N THR A 59 -4.62 9.67 28.60
CA THR A 59 -3.59 9.38 29.57
C THR A 59 -3.64 7.93 30.08
N GLN A 60 -4.84 7.43 30.35
CA GLN A 60 -5.05 6.01 30.61
C GLN A 60 -4.32 5.18 29.57
N LEU A 61 -4.71 5.33 28.31
CA LEU A 61 -4.12 4.55 27.22
C LEU A 61 -2.62 4.74 27.13
N MET A 62 -2.17 5.98 27.36
CA MET A 62 -0.76 6.30 27.26
C MET A 62 0.02 5.48 28.30
N LEU A 63 -0.38 5.60 29.56
CA LEU A 63 0.19 4.76 30.61
C LEU A 63 0.14 3.28 30.25
N ALA A 64 -0.95 2.88 29.58
CA ALA A 64 -1.12 1.49 29.19
C ALA A 64 -0.04 1.07 28.21
N VAL A 65 0.19 1.88 27.18
CA VAL A 65 1.24 1.61 26.17
C VAL A 65 2.60 1.56 26.88
N HIS A 66 2.80 2.50 27.79
CA HIS A 66 4.06 2.58 28.51
C HIS A 66 4.35 1.39 29.43
N TYR A 67 3.34 0.91 30.14
CA TYR A 67 3.56 -0.15 31.16
C TYR A 67 3.20 -1.56 30.71
N GLN A 68 2.16 -1.68 29.89
CA GLN A 68 1.77 -2.97 29.35
C GLN A 68 2.44 -3.28 28.00
N GLY A 69 3.00 -2.26 27.35
CA GLY A 69 3.82 -2.49 26.14
C GLY A 69 3.02 -2.30 24.84
N LYS A 70 1.71 -2.08 25.00
CA LYS A 70 0.79 -1.82 23.90
C LYS A 70 -0.64 -1.55 24.38
N ALA A 71 -1.43 -0.86 23.56
CA ALA A 71 -2.81 -0.55 23.91
C ALA A 71 -3.70 -0.38 22.68
N ILE A 72 -4.80 -1.11 22.68
CA ILE A 72 -5.78 -1.06 21.61
C ILE A 72 -6.49 0.28 21.70
N CYS A 73 -6.15 1.19 20.80
CA CYS A 73 -6.72 2.51 20.73
C CYS A 73 -8.19 2.50 20.37
N GLY A 74 -8.54 1.77 19.33
CA GLY A 74 -9.89 1.78 18.84
C GLY A 74 -10.06 0.53 18.04
N VAL A 75 -11.32 0.16 17.80
CA VAL A 75 -11.63 -0.96 16.93
C VAL A 75 -12.48 -0.43 15.77
N PHE A 76 -12.06 -0.70 14.55
CA PHE A 76 -12.66 -0.07 13.40
C PHE A 76 -12.87 -1.13 12.33
N THR A 77 -13.51 -0.74 11.23
CA THR A 77 -13.58 -1.62 10.07
C THR A 77 -12.29 -1.49 9.28
N ALA A 78 -11.95 -2.56 8.57
CA ALA A 78 -10.79 -2.62 7.67
C ALA A 78 -10.31 -1.28 7.12
N GLU A 79 -11.09 -0.70 6.20
CA GLU A 79 -10.71 0.53 5.50
C GLU A 79 -10.36 1.67 6.43
N VAL A 80 -11.24 1.93 7.38
CA VAL A 80 -11.01 2.97 8.37
C VAL A 80 -9.73 2.71 9.17
N ALA A 81 -9.46 1.45 9.47
CA ALA A 81 -8.32 1.05 10.31
C ALA A 81 -7.00 1.28 9.64
N GLU A 82 -6.96 0.93 8.34
CA GLU A 82 -5.83 1.22 7.46
C GLU A 82 -5.53 2.71 7.41
N THR A 83 -6.54 3.50 7.11
CA THR A 83 -6.38 4.95 7.10
C THR A 83 -5.78 5.50 8.40
N LYS A 84 -6.23 4.96 9.53
CA LYS A 84 -5.70 5.37 10.83
C LYS A 84 -4.22 4.98 10.97
N VAL A 85 -3.93 3.68 10.85
CA VAL A 85 -2.57 3.19 11.02
C VAL A 85 -1.60 4.07 10.23
N ALA A 86 -1.83 4.11 8.91
CA ALA A 86 -1.04 4.91 7.96
C ALA A 86 -0.97 6.40 8.32
N MET A 87 -2.04 6.94 8.90
CA MET A 87 -2.12 8.33 9.31
C MET A 87 -1.22 8.53 10.50
N VAL A 88 -1.31 7.60 11.46
CA VAL A 88 -0.63 7.73 12.73
C VAL A 88 0.84 7.56 12.44
N ASN A 89 1.17 6.64 11.54
CA ASN A 89 2.54 6.39 11.20
C ASN A 89 3.14 7.56 10.46
N LYS A 90 2.35 8.20 9.60
CA LYS A 90 2.81 9.37 8.81
C LYS A 90 3.18 10.50 9.75
N TYR A 91 2.29 10.77 10.69
CA TYR A 91 2.40 11.91 11.61
C TYR A 91 3.61 11.72 12.52
N ALA A 92 3.86 10.46 12.89
CA ALA A 92 4.91 10.13 13.82
C ALA A 92 6.27 10.34 13.13
N ARG A 93 6.39 9.87 11.89
CA ARG A 93 7.62 9.99 11.13
C ARG A 93 7.98 11.45 10.81
N GLU A 94 6.98 12.27 10.57
CA GLU A 94 7.26 13.67 10.30
C GLU A 94 7.69 14.42 11.55
N ASN A 95 7.23 13.96 12.71
CA ASN A 95 7.62 14.55 14.00
C ASN A 95 8.81 13.76 14.58
N GLU A 96 9.38 12.91 13.73
CA GLU A 96 10.66 12.27 13.95
C GLU A 96 10.66 11.34 15.18
N HIS A 97 9.54 10.64 15.39
CA HIS A 97 9.45 9.69 16.47
C HIS A 97 9.26 8.30 15.91
N PRO A 98 9.78 7.27 16.58
CA PRO A 98 9.67 5.92 16.09
C PRO A 98 8.32 5.18 16.39
N LEU A 99 7.34 5.89 16.94
CA LEU A 99 6.11 5.23 17.34
C LEU A 99 5.53 4.34 16.25
N LEU A 100 5.37 3.06 16.56
CA LEU A 100 4.77 2.09 15.64
C LEU A 100 3.32 1.86 16.06
N CYS A 101 2.42 2.03 15.09
CA CYS A 101 0.98 1.82 15.26
C CYS A 101 0.56 0.75 14.29
N THR A 102 -0.20 -0.26 14.73
CA THR A 102 -0.40 -1.48 13.95
C THR A 102 -1.83 -2.01 13.86
N LEU A 103 -2.03 -3.00 13.00
CA LEU A 103 -3.29 -3.68 12.74
C LEU A 103 -3.13 -5.10 13.13
N GLU A 104 -4.26 -5.78 13.20
CA GLU A 104 -4.33 -7.20 13.53
C GLU A 104 -5.77 -7.32 13.86
N LYS A 105 -6.38 -8.30 13.21
CA LYS A 105 -7.80 -8.56 13.22
C LYS A 105 -8.47 -7.93 14.41
N ALA A 106 -8.92 -8.77 15.33
CA ALA A 106 -9.88 -8.43 16.40
C ALA A 106 -10.63 -9.70 16.71
N GLY A 107 -11.18 -10.31 15.66
CA GLY A 107 -12.14 -11.40 15.79
C GLY A 107 -13.41 -10.78 16.33
N ALA A 108 -13.44 -10.59 17.65
CA ALA A 108 -14.31 -9.62 18.30
C ALA A 108 -13.88 -8.19 17.89
N LYS B 23 -8.32 0.79 -17.11
CA LYS B 23 -8.64 -0.59 -16.63
C LYS B 23 -7.41 -1.54 -16.53
N PRO B 24 -6.30 -1.12 -15.87
CA PRO B 24 -5.00 -1.83 -15.89
C PRO B 24 -4.48 -2.41 -14.54
N PRO B 25 -3.15 -2.29 -14.31
CA PRO B 25 -2.59 -2.41 -12.99
C PRO B 25 -2.62 -1.06 -12.24
N SER B 26 -2.90 -1.10 -10.95
CA SER B 26 -2.60 0.01 -10.06
C SER B 26 -1.15 -0.17 -9.62
N MET B 27 -0.32 0.82 -9.95
CA MET B 27 1.08 0.78 -9.53
C MET B 27 1.23 1.43 -8.14
N TYR B 28 2.10 0.86 -7.31
CA TYR B 28 2.25 1.35 -5.96
C TYR B 28 3.70 1.58 -5.61
N LYS B 29 4.00 2.81 -5.17
CA LYS B 29 5.32 3.15 -4.71
C LYS B 29 5.52 2.42 -3.38
N VAL B 30 6.60 1.66 -3.26
CA VAL B 30 6.99 1.09 -1.96
C VAL B 30 8.08 1.95 -1.36
N ILE B 31 7.73 2.68 -0.30
CA ILE B 31 8.58 3.74 0.28
C ILE B 31 9.09 3.31 1.66
N LEU B 32 10.31 3.77 1.97
CA LEU B 32 10.97 3.44 3.21
C LEU B 32 11.18 4.74 3.95
N VAL B 33 10.74 4.78 5.23
CA VAL B 33 10.65 6.05 5.98
C VAL B 33 11.65 6.16 7.13
N ASN B 34 12.27 7.33 7.25
CA ASN B 34 13.38 7.54 8.15
C ASN B 34 13.01 7.59 9.65
N ASP B 35 13.91 7.08 10.49
CA ASP B 35 13.84 7.20 11.93
C ASP B 35 15.27 7.16 12.48
N ASP B 36 15.51 7.85 13.61
CA ASP B 36 16.82 8.00 14.20
C ASP B 36 17.44 6.74 14.81
N TYR B 37 16.79 5.59 14.64
CA TYR B 37 17.13 4.44 15.45
C TYR B 37 17.54 3.21 14.67
N THR B 38 16.94 3.00 13.51
CA THR B 38 17.27 1.84 12.69
C THR B 38 18.67 2.00 12.14
N PRO B 39 19.58 1.05 12.46
CA PRO B 39 20.93 0.99 11.87
C PRO B 39 20.90 1.06 10.35
N MET B 40 21.94 1.65 9.78
CA MET B 40 22.11 1.71 8.34
C MET B 40 22.41 0.34 7.73
N GLU B 41 23.15 -0.51 8.45
CA GLU B 41 23.38 -1.88 7.99
C GLU B 41 22.03 -2.56 7.76
N PHE B 42 21.09 -2.34 8.68
CA PHE B 42 19.81 -2.99 8.60
C PHE B 42 19.00 -2.54 7.37
N VAL B 43 18.98 -1.24 7.09
CA VAL B 43 18.35 -0.81 5.88
C VAL B 43 19.03 -1.46 4.66
N ILE B 44 20.35 -1.60 4.69
CA ILE B 44 21.03 -2.29 3.62
C ILE B 44 20.57 -3.75 3.56
N ASP B 45 20.44 -4.35 4.74
CA ASP B 45 19.99 -5.74 4.83
C ASP B 45 18.67 -5.90 4.09
N VAL B 46 17.70 -5.06 4.50
CA VAL B 46 16.39 -4.94 3.89
C VAL B 46 16.41 -4.76 2.38
N LEU B 47 17.21 -3.82 1.90
CA LEU B 47 17.25 -3.55 0.46
C LEU B 47 17.75 -4.73 -0.37
N GLN B 48 18.72 -5.46 0.18
CA GLN B 48 19.27 -6.64 -0.48
C GLN B 48 18.33 -7.85 -0.39
N LYS B 49 17.62 -7.96 0.74
CA LYS B 49 16.84 -9.16 1.05
C LYS B 49 15.50 -9.16 0.33
N PHE B 50 14.90 -7.99 0.21
CA PHE B 50 13.53 -7.87 -0.24
C PHE B 50 13.38 -7.16 -1.58
N PHE B 51 14.48 -6.61 -2.11
CA PHE B 51 14.43 -5.84 -3.35
C PHE B 51 15.49 -6.30 -4.33
N SER B 52 16.37 -7.17 -3.84
CA SER B 52 17.47 -7.75 -4.62
C SER B 52 18.42 -6.71 -5.20
N TYR B 53 18.47 -5.53 -4.57
CA TYR B 53 19.46 -4.53 -4.95
C TYR B 53 20.87 -5.03 -4.59
N ASP B 54 21.87 -4.61 -5.34
CA ASP B 54 23.23 -4.92 -4.94
C ASP B 54 23.69 -3.91 -3.88
N VAL B 55 24.81 -4.24 -3.21
CA VAL B 55 25.30 -3.43 -2.09
C VAL B 55 25.42 -1.96 -2.49
N GLU B 56 25.84 -1.73 -3.73
CA GLU B 56 26.16 -0.38 -4.19
C GLU B 56 24.89 0.46 -4.18
N ARG B 57 23.87 0.05 -4.96
CA ARG B 57 22.55 0.76 -4.98
C ARG B 57 21.89 0.88 -3.59
N ALA B 58 21.92 -0.21 -2.85
CA ALA B 58 21.41 -0.23 -1.50
C ALA B 58 21.92 0.94 -0.67
N THR B 59 23.17 1.32 -0.88
CA THR B 59 23.77 2.41 -0.11
C THR B 59 23.23 3.77 -0.51
N GLN B 60 23.06 3.96 -1.82
CA GLN B 60 22.46 5.17 -2.37
C GLN B 60 21.12 5.40 -1.66
N LEU B 61 20.24 4.41 -1.78
CA LEU B 61 18.92 4.49 -1.19
C LEU B 61 19.02 4.68 0.32
N MET B 62 19.96 4.00 0.93
CA MET B 62 20.09 4.13 2.38
C MET B 62 20.39 5.58 2.77
N LEU B 63 21.46 6.17 2.20
CA LEU B 63 21.76 7.58 2.40
C LEU B 63 20.55 8.47 2.09
N ALA B 64 19.82 8.13 1.03
CA ALA B 64 18.58 8.83 0.66
C ALA B 64 17.52 8.81 1.77
N VAL B 65 17.20 7.63 2.31
CA VAL B 65 16.31 7.55 3.48
C VAL B 65 16.88 8.37 4.63
N HIS B 66 18.19 8.22 4.90
CA HIS B 66 18.84 8.96 5.98
C HIS B 66 18.80 10.48 5.86
N TYR B 67 19.06 11.03 4.67
CA TYR B 67 19.20 12.51 4.47
C TYR B 67 17.97 13.21 3.88
N GLN B 68 17.22 12.52 3.04
CA GLN B 68 16.01 13.06 2.48
C GLN B 68 14.77 12.74 3.33
N GLY B 69 14.88 11.75 4.22
CA GLY B 69 13.82 11.40 5.14
C GLY B 69 12.95 10.24 4.65
N LYS B 70 13.16 9.84 3.39
CA LYS B 70 12.45 8.69 2.79
C LYS B 70 12.97 8.37 1.38
N ALA B 71 12.71 7.16 0.91
CA ALA B 71 13.15 6.74 -0.40
C ALA B 71 12.25 5.69 -0.98
N ILE B 72 11.82 5.92 -2.22
CA ILE B 72 11.05 4.94 -2.95
C ILE B 72 11.96 3.79 -3.34
N CYS B 73 11.83 2.66 -2.66
CA CYS B 73 12.58 1.45 -2.97
C CYS B 73 12.23 0.85 -4.29
N GLY B 74 10.95 0.63 -4.52
CA GLY B 74 10.53 -0.01 -5.74
C GLY B 74 9.14 0.45 -6.07
N VAL B 75 8.72 0.24 -7.32
CA VAL B 75 7.35 0.49 -7.70
C VAL B 75 6.77 -0.82 -8.24
N PHE B 76 5.69 -1.28 -7.62
CA PHE B 76 5.15 -2.63 -7.85
C PHE B 76 3.65 -2.54 -8.10
N THR B 77 3.02 -3.65 -8.49
CA THR B 77 1.56 -3.69 -8.54
C THR B 77 1.01 -3.87 -7.12
N ALA B 78 -0.24 -3.45 -6.94
CA ALA B 78 -0.95 -3.56 -5.64
C ALA B 78 -0.57 -4.78 -4.79
N GLU B 79 -0.90 -5.98 -5.27
CA GLU B 79 -0.68 -7.21 -4.48
C GLU B 79 0.79 -7.46 -4.08
N VAL B 80 1.69 -7.29 -5.03
CA VAL B 80 3.11 -7.42 -4.77
C VAL B 80 3.58 -6.38 -3.74
N ALA B 81 3.08 -5.15 -3.84
CA ALA B 81 3.51 -4.08 -2.92
C ALA B 81 3.07 -4.32 -1.47
N GLU B 82 1.85 -4.82 -1.30
CA GLU B 82 1.35 -5.18 0.01
C GLU B 82 2.24 -6.24 0.62
N THR B 83 2.41 -7.35 -0.10
CA THR B 83 3.33 -8.39 0.33
C THR B 83 4.69 -7.83 0.79
N LYS B 84 5.25 -6.87 0.04
CA LYS B 84 6.54 -6.30 0.40
C LYS B 84 6.45 -5.54 1.70
N VAL B 85 5.58 -4.52 1.73
CA VAL B 85 5.38 -3.69 2.93
C VAL B 85 5.31 -4.56 4.15
N ALA B 86 4.31 -5.45 4.16
CA ALA B 86 4.09 -6.40 5.28
C ALA B 86 5.29 -7.28 5.63
N MET B 87 6.07 -7.63 4.61
CA MET B 87 7.25 -8.43 4.75
C MET B 87 8.34 -7.60 5.45
N VAL B 88 8.54 -6.40 4.93
CA VAL B 88 9.58 -5.54 5.42
C VAL B 88 9.28 -5.13 6.82
N ASN B 89 8.00 -4.96 7.13
CA ASN B 89 7.63 -4.58 8.48
C ASN B 89 7.75 -5.75 9.44
N LYS B 90 7.42 -6.95 8.94
CA LYS B 90 7.52 -8.15 9.78
C LYS B 90 8.97 -8.35 10.20
N TYR B 91 9.87 -8.31 9.21
CA TYR B 91 11.30 -8.53 9.39
C TYR B 91 11.92 -7.48 10.34
N ALA B 92 11.41 -6.26 10.28
CA ALA B 92 11.93 -5.18 11.06
C ALA B 92 11.54 -5.36 12.54
N ARG B 93 10.30 -5.81 12.72
CA ARG B 93 9.78 -5.97 14.08
C ARG B 93 10.45 -7.10 14.80
N GLU B 94 10.76 -8.16 14.08
CA GLU B 94 11.45 -9.28 14.71
C GLU B 94 12.91 -8.96 15.05
N ASN B 95 13.51 -8.08 14.27
CA ASN B 95 14.86 -7.61 14.56
C ASN B 95 14.83 -6.36 15.42
N GLU B 96 13.66 -6.11 15.99
CA GLU B 96 13.45 -5.09 17.02
C GLU B 96 13.84 -3.67 16.59
N HIS B 97 13.60 -3.37 15.33
CA HIS B 97 13.82 -2.01 14.80
C HIS B 97 12.52 -1.36 14.40
N PRO B 98 12.43 -0.03 14.55
CA PRO B 98 11.17 0.67 14.28
C PRO B 98 10.90 1.03 12.83
N LEU B 99 11.72 0.55 11.89
CA LEU B 99 11.70 0.98 10.52
C LEU B 99 10.31 0.87 9.92
N LEU B 100 9.77 1.99 9.45
CA LEU B 100 8.44 1.98 8.86
C LEU B 100 8.57 1.96 7.36
N CYS B 101 7.89 0.99 6.72
CA CYS B 101 7.87 0.83 5.27
C CYS B 101 6.43 0.95 4.82
N THR B 102 6.16 1.81 3.83
CA THR B 102 4.79 2.19 3.53
C THR B 102 4.45 2.12 2.07
N LEU B 103 3.16 2.38 1.77
CA LEU B 103 2.53 2.36 0.46
C LEU B 103 2.01 3.78 0.19
N GLU B 104 1.86 4.11 -1.09
CA GLU B 104 1.31 5.39 -1.55
C GLU B 104 0.82 5.06 -2.93
N LYS B 105 -0.41 5.51 -3.24
CA LYS B 105 -0.96 5.45 -4.60
C LYS B 105 0.02 6.11 -5.55
N ALA B 106 0.38 5.38 -6.60
CA ALA B 106 1.46 5.78 -7.50
C ALA B 106 0.98 6.60 -8.68
N GLY B 107 -0.27 6.38 -9.07
CA GLY B 107 -0.73 6.86 -10.40
C GLY B 107 0.20 6.26 -11.46
N ALA B 108 1.51 6.41 -11.21
CA ALA B 108 2.55 5.92 -12.10
C ALA B 108 3.38 4.81 -11.45
N LYS C 23 20.24 17.61 4.87
CA LYS C 23 20.75 17.64 3.45
C LYS C 23 20.43 16.28 2.80
N PRO C 24 19.42 16.24 1.88
CA PRO C 24 18.90 15.17 0.96
C PRO C 24 19.65 14.93 -0.39
N PRO C 25 19.70 13.66 -0.93
CA PRO C 25 20.57 13.31 -2.09
C PRO C 25 19.77 13.19 -3.34
N SER C 26 19.38 14.35 -3.86
CA SER C 26 18.11 14.51 -4.54
C SER C 26 17.76 13.34 -5.44
N MET C 27 16.75 12.56 -5.02
CA MET C 27 16.25 11.47 -5.85
C MET C 27 15.17 12.02 -6.75
N TYR C 28 15.13 11.48 -7.97
CA TYR C 28 14.23 11.96 -8.98
C TYR C 28 13.48 10.82 -9.63
N LYS C 29 12.14 10.97 -9.69
CA LYS C 29 11.29 10.00 -10.39
C LYS C 29 11.55 10.26 -11.84
N VAL C 30 11.75 9.19 -12.63
CA VAL C 30 11.81 9.29 -14.09
C VAL C 30 10.52 8.69 -14.62
N ILE C 31 9.67 9.56 -15.15
CA ILE C 31 8.28 9.24 -15.50
C ILE C 31 8.05 9.26 -17.02
N LEU C 32 7.26 8.30 -17.48
CA LEU C 32 6.96 8.17 -18.91
C LEU C 32 5.46 8.49 -19.08
N VAL C 33 5.16 9.46 -19.96
CA VAL C 33 3.80 10.01 -20.08
C VAL C 33 3.05 9.62 -21.38
N ASN C 34 1.79 9.31 -21.23
CA ASN C 34 1.01 8.68 -22.29
C ASN C 34 0.69 9.61 -23.46
N ASP C 35 0.67 9.05 -24.67
CA ASP C 35 0.18 9.70 -25.84
C ASP C 35 -0.41 8.66 -26.81
N ASP C 36 -1.44 9.06 -27.60
CA ASP C 36 -2.23 8.14 -28.45
C ASP C 36 -1.49 7.60 -29.66
N TYR C 37 -0.20 7.93 -29.74
CA TYR C 37 0.49 7.75 -31.02
C TYR C 37 1.69 6.84 -30.97
N THR C 38 2.43 6.88 -29.86
CA THR C 38 3.63 6.07 -29.70
C THR C 38 3.20 4.62 -29.64
N PRO C 39 3.75 3.78 -30.53
CA PRO C 39 3.53 2.33 -30.46
C PRO C 39 3.94 1.71 -29.12
N MET C 40 3.26 0.63 -28.77
CA MET C 40 3.59 -0.09 -27.54
C MET C 40 4.93 -0.82 -27.62
N GLU C 41 5.23 -1.43 -28.75
CA GLU C 41 6.57 -1.99 -29.00
C GLU C 41 7.64 -0.96 -28.64
N PHE C 42 7.41 0.30 -29.03
CA PHE C 42 8.45 1.31 -28.87
C PHE C 42 8.71 1.55 -27.42
N VAL C 43 7.64 1.63 -26.64
CA VAL C 43 7.75 1.88 -25.18
C VAL C 43 8.49 0.69 -24.54
N ILE C 44 8.21 -0.51 -25.04
CA ILE C 44 8.95 -1.68 -24.63
C ILE C 44 10.44 -1.53 -25.01
N ASP C 45 10.69 -1.15 -26.26
CA ASP C 45 12.04 -0.84 -26.71
C ASP C 45 12.75 0.05 -25.69
N VAL C 46 12.16 1.22 -25.45
CA VAL C 46 12.67 2.17 -24.45
C VAL C 46 13.01 1.56 -23.11
N LEU C 47 12.07 0.77 -22.58
CA LEU C 47 12.21 0.21 -21.22
C LEU C 47 13.33 -0.82 -21.12
N GLN C 48 13.57 -1.54 -22.21
CA GLN C 48 14.67 -2.49 -22.27
C GLN C 48 16.03 -1.82 -22.57
N LYS C 49 16.03 -0.73 -23.30
CA LYS C 49 17.26 -0.10 -23.79
C LYS C 49 17.86 0.86 -22.77
N PHE C 50 17.03 1.51 -21.98
CA PHE C 50 17.48 2.61 -21.15
C PHE C 50 17.20 2.36 -19.69
N PHE C 51 16.57 1.22 -19.35
CA PHE C 51 16.31 0.90 -17.95
C PHE C 51 16.64 -0.56 -17.67
N SER C 52 16.98 -1.31 -18.70
CA SER C 52 17.43 -2.70 -18.56
C SER C 52 16.40 -3.62 -17.90
N TYR C 53 15.13 -3.25 -18.00
CA TYR C 53 14.04 -4.12 -17.59
C TYR C 53 14.00 -5.29 -18.53
N ASP C 54 13.49 -6.44 -18.05
CA ASP C 54 13.24 -7.54 -18.97
C ASP C 54 11.88 -7.38 -19.64
N VAL C 55 11.66 -8.12 -20.72
CA VAL C 55 10.43 -8.01 -21.51
C VAL C 55 9.19 -8.05 -20.61
N GLU C 56 9.20 -8.96 -19.64
CA GLU C 56 8.06 -9.13 -18.74
C GLU C 56 7.69 -7.84 -18.02
N ARG C 57 8.61 -7.27 -17.23
CA ARG C 57 8.34 -5.99 -16.52
C ARG C 57 8.02 -4.80 -17.46
N ALA C 58 8.74 -4.74 -18.57
CA ALA C 58 8.53 -3.72 -19.55
C ALA C 58 7.05 -3.65 -19.93
N THR C 59 6.40 -4.81 -20.04
CA THR C 59 5.03 -4.86 -20.48
C THR C 59 4.07 -4.35 -19.40
N GLN C 60 4.31 -4.73 -18.14
CA GLN C 60 3.61 -4.15 -17.00
C GLN C 60 3.58 -2.63 -17.15
N LEU C 61 4.76 -2.02 -17.11
CA LEU C 61 4.89 -0.56 -17.15
C LEU C 61 4.25 0.03 -18.40
N MET C 62 4.35 -0.71 -19.51
CA MET C 62 3.81 -0.19 -20.77
C MET C 62 2.29 -0.10 -20.68
N LEU C 63 1.64 -1.19 -20.24
CA LEU C 63 0.22 -1.18 -19.94
C LEU C 63 -0.14 -0.08 -18.95
N ALA C 64 0.76 0.17 -18.00
CA ALA C 64 0.55 1.22 -17.00
C ALA C 64 0.54 2.59 -17.62
N VAL C 65 1.50 2.86 -18.49
CA VAL C 65 1.50 4.16 -19.19
C VAL C 65 0.22 4.26 -20.03
N HIS C 66 -0.12 3.17 -20.70
CA HIS C 66 -1.29 3.16 -21.55
C HIS C 66 -2.62 3.39 -20.82
N TYR C 67 -2.80 2.75 -19.65
CA TYR C 67 -4.10 2.81 -18.98
C TYR C 67 -4.19 3.81 -17.83
N GLN C 68 -3.09 4.02 -17.13
CA GLN C 68 -3.04 4.98 -16.04
C GLN C 68 -2.55 6.38 -16.48
N GLY C 69 -1.98 6.46 -17.68
CA GLY C 69 -1.66 7.77 -18.28
C GLY C 69 -0.22 8.17 -18.03
N LYS C 70 0.47 7.38 -17.20
CA LYS C 70 1.88 7.58 -16.92
C LYS C 70 2.42 6.49 -16.03
N ALA C 71 3.74 6.26 -16.07
CA ALA C 71 4.42 5.30 -15.19
C ALA C 71 5.83 5.71 -14.82
N ILE C 72 6.12 5.66 -13.53
CA ILE C 72 7.46 5.90 -12.99
C ILE C 72 8.32 4.71 -13.37
N CYS C 73 9.18 4.88 -14.37
CA CYS C 73 10.13 3.90 -14.84
C CYS C 73 11.18 3.54 -13.80
N GLY C 74 11.85 4.56 -13.27
CA GLY C 74 12.91 4.32 -12.32
C GLY C 74 13.00 5.55 -11.45
N VAL C 75 13.72 5.40 -10.34
CA VAL C 75 14.04 6.53 -9.47
C VAL C 75 15.56 6.61 -9.36
N PHE C 76 16.12 7.77 -9.68
CA PHE C 76 17.54 7.93 -9.84
C PHE C 76 17.96 9.20 -9.16
N THR C 77 19.27 9.45 -9.09
CA THR C 77 19.75 10.73 -8.59
C THR C 77 19.66 11.75 -9.70
N ALA C 78 19.54 13.02 -9.34
CA ALA C 78 19.52 14.16 -10.30
C ALA C 78 20.27 13.96 -11.62
N GLU C 79 21.60 13.90 -11.58
CA GLU C 79 22.40 13.79 -12.80
C GLU C 79 22.04 12.61 -13.68
N VAL C 80 21.94 11.44 -13.06
CA VAL C 80 21.58 10.22 -13.79
C VAL C 80 20.19 10.37 -14.41
N ALA C 81 19.27 11.01 -13.69
CA ALA C 81 17.88 11.20 -14.16
C ALA C 81 17.77 12.11 -15.41
N GLU C 82 18.53 13.20 -15.37
CA GLU C 82 18.66 14.12 -16.49
C GLU C 82 19.19 13.41 -17.74
N THR C 83 20.25 12.64 -17.56
CA THR C 83 20.81 11.89 -18.67
C THR C 83 19.76 10.95 -19.30
N LYS C 84 18.95 10.32 -18.45
CA LYS C 84 17.93 9.39 -18.91
C LYS C 84 16.87 10.14 -19.68
N VAL C 85 16.22 11.12 -19.04
CA VAL C 85 15.16 11.90 -19.68
C VAL C 85 15.59 12.29 -21.07
N ALA C 86 16.68 13.05 -21.14
CA ALA C 86 17.28 13.58 -22.38
C ALA C 86 17.65 12.49 -23.39
N MET C 87 18.04 11.33 -22.89
CA MET C 87 18.34 10.16 -23.72
C MET C 87 17.04 9.64 -24.33
N VAL C 88 16.03 9.47 -23.49
CA VAL C 88 14.80 8.82 -23.89
C VAL C 88 14.12 9.73 -24.84
N ASN C 89 14.25 11.04 -24.58
CA ASN C 89 13.65 12.01 -25.48
C ASN C 89 14.33 12.05 -26.82
N LYS C 90 15.66 12.01 -26.80
CA LYS C 90 16.46 12.00 -28.05
C LYS C 90 16.05 10.82 -28.96
N TYR C 91 16.04 9.63 -28.36
CA TYR C 91 15.78 8.37 -29.05
C TYR C 91 14.38 8.34 -29.64
N ALA C 92 13.45 9.01 -28.97
CA ALA C 92 12.06 8.99 -29.38
C ALA C 92 11.88 9.92 -30.58
N ARG C 93 12.54 11.09 -30.53
CA ARG C 93 12.43 12.06 -31.60
C ARG C 93 13.09 11.54 -32.89
N GLU C 94 14.19 10.80 -32.75
CA GLU C 94 14.83 10.28 -33.92
C GLU C 94 14.06 9.15 -34.58
N ASN C 95 13.30 8.41 -33.78
CA ASN C 95 12.36 7.40 -34.29
C ASN C 95 10.97 7.97 -34.55
N GLU C 96 10.89 9.30 -34.55
CA GLU C 96 9.72 10.08 -34.98
C GLU C 96 8.43 9.79 -34.18
N HIS C 97 8.59 9.59 -32.88
CA HIS C 97 7.47 9.40 -31.98
C HIS C 97 7.40 10.57 -31.02
N PRO C 98 6.18 10.89 -30.53
CA PRO C 98 6.02 12.02 -29.62
C PRO C 98 6.21 11.70 -28.11
N LEU C 99 6.64 10.49 -27.80
CA LEU C 99 6.79 10.07 -26.42
C LEU C 99 7.53 11.10 -25.54
N LEU C 100 6.85 11.57 -24.49
CA LEU C 100 7.39 12.54 -23.57
C LEU C 100 7.74 11.79 -22.31
N CYS C 101 9.00 11.97 -21.88
CA CYS C 101 9.61 11.35 -20.69
C CYS C 101 10.08 12.51 -19.84
N THR C 102 9.75 12.49 -18.55
CA THR C 102 9.89 13.66 -17.66
C THR C 102 10.52 13.40 -16.28
N LEU C 103 10.84 14.50 -15.60
CA LEU C 103 11.39 14.54 -14.28
C LEU C 103 10.40 15.04 -13.25
N GLU C 104 10.55 14.50 -12.03
CA GLU C 104 9.86 14.92 -10.79
C GLU C 104 10.72 14.66 -9.53
N LYS C 105 10.79 15.69 -8.68
CA LYS C 105 11.52 15.64 -7.42
C LYS C 105 10.81 14.81 -6.39
N ALA C 106 11.01 13.48 -6.44
CA ALA C 106 10.61 12.58 -5.34
C ALA C 106 10.76 13.29 -3.99
N GLY C 107 11.78 14.15 -3.91
CA GLY C 107 12.10 14.94 -2.72
C GLY C 107 12.61 14.06 -1.59
N ALA C 108 12.50 12.75 -1.83
CA ALA C 108 12.52 11.74 -0.79
C ALA C 108 13.85 10.98 -0.68
N LYS D 23 1.47 1.36 40.92
CA LYS D 23 0.97 0.29 39.99
C LYS D 23 -0.17 0.61 38.92
N PRO D 24 0.05 0.11 37.69
CA PRO D 24 -0.54 0.37 36.38
C PRO D 24 -1.88 -0.30 36.04
N PRO D 25 -2.50 0.17 34.93
CA PRO D 25 -3.71 -0.41 34.39
C PRO D 25 -3.50 -1.78 33.77
N SER D 26 -4.44 -2.66 34.09
CA SER D 26 -4.77 -3.79 33.27
C SER D 26 -5.97 -3.34 32.44
N MET D 27 -5.81 -3.37 31.12
CA MET D 27 -6.91 -3.03 30.23
C MET D 27 -7.68 -4.29 29.92
N TYR D 28 -9.00 -4.16 29.79
CA TYR D 28 -9.84 -5.32 29.53
C TYR D 28 -10.77 -5.08 28.35
N LYS D 29 -10.75 -6.01 27.40
CA LYS D 29 -11.66 -5.97 26.29
C LYS D 29 -13.05 -6.34 26.84
N VAL D 30 -14.06 -5.52 26.54
CA VAL D 30 -15.46 -5.87 26.86
C VAL D 30 -16.13 -6.35 25.59
N ILE D 31 -16.45 -7.65 25.55
CA ILE D 31 -16.81 -8.34 24.31
C ILE D 31 -18.24 -8.78 24.39
N LEU D 32 -18.94 -8.73 23.25
CA LEU D 32 -20.33 -9.09 23.17
C LEU D 32 -20.44 -10.30 22.27
N VAL D 33 -21.10 -11.38 22.77
CA VAL D 33 -21.06 -12.69 22.10
C VAL D 33 -22.38 -13.10 21.46
N ASN D 34 -22.33 -13.61 20.25
CA ASN D 34 -23.49 -13.89 19.46
C ASN D 34 -24.35 -15.09 19.92
N ASP D 35 -25.67 -14.96 19.71
CA ASP D 35 -26.63 -16.03 19.90
C ASP D 35 -27.80 -15.79 18.94
N ASP D 36 -28.42 -16.87 18.46
CA ASP D 36 -29.53 -16.83 17.54
C ASP D 36 -30.83 -16.22 18.07
N TYR D 37 -30.81 -15.73 19.31
CA TYR D 37 -32.07 -15.42 19.96
C TYR D 37 -32.26 -13.94 20.33
N THR D 38 -31.21 -13.31 20.81
CA THR D 38 -31.28 -11.93 21.20
C THR D 38 -31.60 -11.03 20.01
N PRO D 39 -32.77 -10.34 20.04
CA PRO D 39 -33.11 -9.31 19.01
C PRO D 39 -31.98 -8.33 18.78
N MET D 40 -31.91 -7.84 17.56
CA MET D 40 -30.91 -6.86 17.15
C MET D 40 -31.19 -5.48 17.74
N GLU D 41 -32.47 -5.14 17.89
CA GLU D 41 -32.86 -3.92 18.59
C GLU D 41 -32.26 -3.92 20.01
N PHE D 42 -32.27 -5.08 20.65
CA PHE D 42 -31.80 -5.16 22.01
C PHE D 42 -30.29 -4.96 22.09
N VAL D 43 -29.57 -5.48 21.10
CA VAL D 43 -28.14 -5.25 21.12
C VAL D 43 -27.88 -3.76 20.90
N ILE D 44 -28.69 -3.13 20.06
CA ILE D 44 -28.61 -1.69 19.89
C ILE D 44 -28.93 -0.98 21.19
N ASP D 45 -29.96 -1.45 21.88
CA ASP D 45 -30.36 -0.90 23.18
C ASP D 45 -29.16 -0.86 24.09
N VAL D 46 -28.54 -2.03 24.27
CA VAL D 46 -27.35 -2.24 25.09
C VAL D 46 -26.21 -1.34 24.74
N LEU D 47 -25.89 -1.25 23.45
CA LEU D 47 -24.77 -0.38 23.00
C LEU D 47 -25.00 1.09 23.33
N GLN D 48 -26.25 1.54 23.25
CA GLN D 48 -26.55 2.95 23.49
C GLN D 48 -26.61 3.26 25.00
N LYS D 49 -27.05 2.25 25.78
CA LYS D 49 -27.37 2.44 27.20
C LYS D 49 -26.12 2.35 28.05
N PHE D 50 -25.22 1.41 27.69
CA PHE D 50 -24.06 1.10 28.52
C PHE D 50 -22.72 1.55 27.90
N PHE D 51 -22.75 2.05 26.67
CA PHE D 51 -21.49 2.38 26.00
C PHE D 51 -21.58 3.78 25.41
N SER D 52 -22.79 4.33 25.46
CA SER D 52 -23.05 5.67 24.94
C SER D 52 -22.68 5.83 23.46
N TYR D 53 -22.70 4.72 22.72
CA TYR D 53 -22.56 4.78 21.26
C TYR D 53 -23.78 5.46 20.63
N ASP D 54 -23.60 6.13 19.50
CA ASP D 54 -24.77 6.63 18.78
C ASP D 54 -25.35 5.52 17.93
N VAL D 55 -26.58 5.73 17.47
CA VAL D 55 -27.33 4.69 16.74
C VAL D 55 -26.47 4.09 15.63
N GLU D 56 -25.77 4.99 14.92
CA GLU D 56 -25.00 4.64 13.73
C GLU D 56 -23.95 3.58 14.09
N ARG D 57 -22.99 3.93 14.96
CA ARG D 57 -21.95 2.97 15.43
C ARG D 57 -22.52 1.69 16.03
N ALA D 58 -23.53 1.85 16.90
CA ALA D 58 -24.26 0.71 17.48
C ALA D 58 -24.69 -0.33 16.43
N THR D 59 -24.99 0.13 15.21
CA THR D 59 -25.42 -0.78 14.16
C THR D 59 -24.26 -1.58 13.57
N GLN D 60 -23.14 -0.87 13.37
CA GLN D 60 -21.88 -1.48 12.94
C GLN D 60 -21.54 -2.66 13.83
N LEU D 61 -21.44 -2.37 15.13
CA LEU D 61 -21.11 -3.41 16.12
C LEU D 61 -22.14 -4.52 16.13
N MET D 62 -23.40 -4.14 16.05
CA MET D 62 -24.44 -5.13 16.08
C MET D 62 -24.27 -6.13 14.93
N LEU D 63 -24.11 -5.62 13.69
CA LEU D 63 -23.92 -6.48 12.53
C LEU D 63 -22.68 -7.33 12.74
N ALA D 64 -21.67 -6.72 13.37
CA ALA D 64 -20.41 -7.42 13.65
C ALA D 64 -20.64 -8.61 14.57
N VAL D 65 -21.35 -8.39 15.69
CA VAL D 65 -21.73 -9.52 16.58
C VAL D 65 -22.53 -10.57 15.79
N HIS D 66 -23.48 -10.10 14.98
CA HIS D 66 -24.33 -11.01 14.22
C HIS D 66 -23.55 -11.86 13.20
N TYR D 67 -22.60 -11.25 12.49
CA TYR D 67 -21.92 -11.94 11.37
C TYR D 67 -20.55 -12.52 11.70
N GLN D 68 -19.82 -11.81 12.55
CA GLN D 68 -18.51 -12.26 12.94
C GLN D 68 -18.57 -13.19 14.15
N GLY D 69 -19.68 -13.17 14.88
CA GLY D 69 -19.92 -14.02 16.06
C GLY D 69 -19.58 -13.34 17.39
N LYS D 70 -19.03 -12.12 17.32
CA LYS D 70 -18.64 -11.34 18.51
C LYS D 70 -18.08 -9.99 18.16
N ALA D 71 -18.14 -9.05 19.09
CA ALA D 71 -17.58 -7.72 18.89
C ALA D 71 -17.05 -7.05 20.15
N ILE D 72 -15.86 -6.50 20.06
CA ILE D 72 -15.31 -5.77 21.17
C ILE D 72 -15.99 -4.43 21.25
N CYS D 73 -16.91 -4.30 22.22
CA CYS D 73 -17.65 -3.05 22.47
C CYS D 73 -16.76 -1.92 22.91
N GLY D 74 -15.96 -2.17 23.94
CA GLY D 74 -15.08 -1.13 24.45
C GLY D 74 -13.92 -1.77 25.17
N VAL D 75 -12.90 -0.98 25.45
CA VAL D 75 -11.75 -1.44 26.19
C VAL D 75 -11.60 -0.53 27.38
N PHE D 76 -11.67 -1.14 28.57
CA PHE D 76 -11.76 -0.43 29.84
C PHE D 76 -10.74 -0.98 30.84
N THR D 77 -10.57 -0.30 31.97
CA THR D 77 -9.74 -0.85 33.05
C THR D 77 -10.55 -1.91 33.76
N ALA D 78 -9.82 -2.80 34.44
CA ALA D 78 -10.40 -3.93 35.20
C ALA D 78 -11.75 -3.63 35.88
N GLU D 79 -11.72 -2.76 36.89
CA GLU D 79 -12.93 -2.43 37.65
C GLU D 79 -14.10 -1.95 36.81
N VAL D 80 -13.83 -1.02 35.88
CA VAL D 80 -14.86 -0.50 35.01
C VAL D 80 -15.46 -1.62 34.14
N ALA D 81 -14.60 -2.52 33.66
CA ALA D 81 -15.05 -3.59 32.75
C ALA D 81 -15.96 -4.60 33.44
N GLU D 82 -15.59 -4.93 34.68
CA GLU D 82 -16.41 -5.82 35.51
C GLU D 82 -17.77 -5.22 35.70
N THR D 83 -17.82 -3.98 36.18
CA THR D 83 -19.09 -3.25 36.29
C THR D 83 -19.93 -3.33 34.99
N LYS D 84 -19.30 -3.12 33.83
CA LYS D 84 -20.02 -3.21 32.56
C LYS D 84 -20.56 -4.59 32.32
N VAL D 85 -19.67 -5.60 32.31
CA VAL D 85 -20.06 -6.98 32.02
C VAL D 85 -21.29 -7.31 32.83
N ALA D 86 -21.16 -7.17 34.16
CA ALA D 86 -22.25 -7.49 35.12
C ALA D 86 -23.53 -6.67 34.88
N MET D 87 -23.34 -5.47 34.37
CA MET D 87 -24.44 -4.56 34.12
C MET D 87 -25.21 -5.07 32.91
N VAL D 88 -24.45 -5.44 31.90
CA VAL D 88 -25.00 -5.83 30.62
C VAL D 88 -25.68 -7.15 30.79
N ASN D 89 -25.14 -8.00 31.65
CA ASN D 89 -25.73 -9.31 31.86
C ASN D 89 -26.98 -9.19 32.72
N LYS D 90 -26.96 -8.28 33.68
CA LYS D 90 -28.12 -8.05 34.53
C LYS D 90 -29.32 -7.60 33.68
N TYR D 91 -29.07 -6.59 32.83
CA TYR D 91 -30.07 -5.99 31.97
C TYR D 91 -30.65 -7.01 30.97
N ALA D 92 -29.77 -7.88 30.48
CA ALA D 92 -30.16 -8.87 29.52
C ALA D 92 -31.09 -9.90 30.16
N ARG D 93 -30.73 -10.30 31.38
CA ARG D 93 -31.49 -11.33 32.07
C ARG D 93 -32.87 -10.85 32.46
N GLU D 94 -32.98 -9.60 32.85
CA GLU D 94 -34.29 -9.06 33.21
C GLU D 94 -35.20 -8.84 32.00
N ASN D 95 -34.60 -8.60 30.84
CA ASN D 95 -35.35 -8.52 29.59
C ASN D 95 -35.41 -9.87 28.88
N GLU D 96 -35.04 -10.90 29.62
CA GLU D 96 -35.27 -12.30 29.26
C GLU D 96 -34.58 -12.71 27.95
N HIS D 97 -33.37 -12.17 27.75
CA HIS D 97 -32.55 -12.52 26.57
C HIS D 97 -31.27 -13.18 27.02
N PRO D 98 -30.76 -14.12 26.21
CA PRO D 98 -29.58 -14.90 26.60
C PRO D 98 -28.22 -14.23 26.35
N LEU D 99 -28.23 -12.96 25.90
CA LEU D 99 -27.04 -12.27 25.46
C LEU D 99 -25.90 -12.38 26.46
N LEU D 100 -24.79 -12.96 26.03
CA LEU D 100 -23.64 -13.13 26.90
C LEU D 100 -22.65 -12.02 26.62
N CYS D 101 -22.25 -11.29 27.66
CA CYS D 101 -21.25 -10.23 27.58
C CYS D 101 -20.06 -10.63 28.45
N THR D 102 -18.85 -10.58 27.91
CA THR D 102 -17.71 -11.18 28.55
C THR D 102 -16.49 -10.30 28.63
N LEU D 103 -15.46 -10.81 29.33
CA LEU D 103 -14.20 -10.16 29.60
C LEU D 103 -13.12 -10.95 28.91
N GLU D 104 -12.09 -10.25 28.49
CA GLU D 104 -10.87 -10.86 27.96
C GLU D 104 -9.84 -9.80 28.16
N LYS D 105 -8.72 -10.23 28.79
CA LYS D 105 -7.53 -9.40 28.98
C LYS D 105 -7.23 -8.77 27.66
N ALA D 106 -7.01 -7.48 27.69
CA ALA D 106 -6.64 -6.79 26.48
C ALA D 106 -5.44 -7.53 25.90
N GLY D 107 -4.31 -7.54 26.63
CA GLY D 107 -3.06 -8.07 26.11
C GLY D 107 -2.50 -7.07 25.10
N ALA D 108 -3.24 -6.89 23.99
CA ALA D 108 -2.88 -5.92 22.96
C ALA D 108 -3.44 -4.54 23.30
N LYS E 23 67.72 10.22 8.51
CA LYS E 23 66.70 10.29 7.40
C LYS E 23 65.62 9.12 7.44
N PRO E 24 64.51 9.23 6.66
CA PRO E 24 63.50 8.16 6.37
C PRO E 24 63.11 7.91 4.86
N PRO E 25 62.16 6.98 4.58
CA PRO E 25 61.50 6.92 3.25
C PRO E 25 60.32 7.91 3.07
N SER E 26 60.46 8.93 2.18
CA SER E 26 59.51 10.08 2.14
C SER E 26 58.04 9.66 2.12
N MET E 27 57.40 9.75 3.28
CA MET E 27 55.98 9.40 3.40
C MET E 27 55.13 10.62 2.99
N TYR E 28 54.00 10.33 2.34
CA TYR E 28 53.15 11.39 1.80
C TYR E 28 51.72 11.17 2.14
N LYS E 29 51.12 12.17 2.79
CA LYS E 29 49.68 12.26 3.05
C LYS E 29 49.00 12.35 1.72
N VAL E 30 48.03 11.47 1.48
CA VAL E 30 47.12 11.61 0.34
C VAL E 30 45.80 12.16 0.86
N ILE E 31 45.55 13.43 0.53
CA ILE E 31 44.41 14.21 1.06
C ILE E 31 43.32 14.44 0.03
N LEU E 32 42.08 14.40 0.50
CA LEU E 32 40.88 14.64 -0.31
C LEU E 32 40.26 15.94 0.13
N VAL E 33 40.15 16.90 -0.79
CA VAL E 33 39.66 18.25 -0.46
C VAL E 33 38.20 18.54 -0.88
N ASN E 34 37.47 19.20 0.02
CA ASN E 34 36.02 19.46 -0.11
C ASN E 34 35.62 20.46 -1.20
N ASP E 35 34.46 20.20 -1.82
CA ASP E 35 33.80 21.14 -2.75
C ASP E 35 32.31 20.88 -2.67
N ASP E 36 31.52 21.92 -2.93
CA ASP E 36 30.06 21.85 -2.81
C ASP E 36 29.36 21.03 -3.87
N TYR E 37 30.12 20.39 -4.75
CA TYR E 37 29.55 19.88 -5.99
C TYR E 37 29.65 18.38 -6.19
N THR E 38 30.75 17.81 -5.73
CA THR E 38 30.98 16.39 -5.87
C THR E 38 30.02 15.62 -4.97
N PRO E 39 29.18 14.76 -5.58
CA PRO E 39 28.32 13.85 -4.83
C PRO E 39 29.10 13.04 -3.80
N MET E 40 28.41 12.71 -2.72
CA MET E 40 28.94 11.87 -1.65
C MET E 40 29.10 10.43 -2.10
N GLU E 41 28.18 9.96 -2.93
CA GLU E 41 28.32 8.62 -3.52
C GLU E 41 29.66 8.51 -4.23
N PHE E 42 30.02 9.58 -4.94
CA PHE E 42 31.24 9.57 -5.72
C PHE E 42 32.49 9.46 -4.85
N VAL E 43 32.49 10.21 -3.75
CA VAL E 43 33.59 10.16 -2.81
C VAL E 43 33.69 8.74 -2.22
N ILE E 44 32.55 8.12 -1.96
CA ILE E 44 32.54 6.74 -1.53
C ILE E 44 33.11 5.85 -2.63
N ASP E 45 32.72 6.11 -3.88
CA ASP E 45 33.21 5.35 -5.03
C ASP E 45 34.72 5.39 -5.02
N VAL E 46 35.25 6.60 -5.00
CA VAL E 46 36.69 6.85 -4.90
C VAL E 46 37.39 6.06 -3.80
N LEU E 47 36.87 6.13 -2.59
CA LEU E 47 37.50 5.52 -1.43
C LEU E 47 37.52 4.00 -1.53
N GLN E 48 36.48 3.45 -2.16
CA GLN E 48 36.41 2.01 -2.38
C GLN E 48 37.33 1.55 -3.52
N LYS E 49 37.42 2.37 -4.56
CA LYS E 49 38.08 1.99 -5.80
C LYS E 49 39.59 2.13 -5.73
N PHE E 50 40.05 3.18 -5.05
CA PHE E 50 41.45 3.55 -5.04
C PHE E 50 42.14 3.42 -3.69
N PHE E 51 41.39 3.06 -2.65
CA PHE E 51 41.97 2.89 -1.33
C PHE E 51 41.55 1.58 -0.67
N SER E 52 40.67 0.85 -1.34
CA SER E 52 40.14 -0.44 -0.88
C SER E 52 39.50 -0.40 0.50
N TYR E 53 39.00 0.75 0.91
CA TYR E 53 38.25 0.88 2.15
C TYR E 53 36.95 0.16 1.96
N ASP E 54 36.38 -0.34 3.04
CA ASP E 54 34.99 -0.85 2.98
C ASP E 54 33.97 0.29 3.10
N VAL E 55 32.74 -0.01 2.75
CA VAL E 55 31.66 1.00 2.69
C VAL E 55 31.56 1.80 3.99
N GLU E 56 31.68 1.08 5.11
CA GLU E 56 31.60 1.68 6.43
C GLU E 56 32.62 2.80 6.59
N ARG E 57 33.92 2.47 6.54
CA ARG E 57 35.01 3.46 6.68
C ARG E 57 34.88 4.61 5.66
N ALA E 58 34.63 4.23 4.42
CA ALA E 58 34.42 5.19 3.33
C ALA E 58 33.46 6.31 3.72
N THR E 59 32.41 5.97 4.44
CA THR E 59 31.42 6.95 4.88
C THR E 59 31.93 7.91 5.97
N GLN E 60 32.71 7.37 6.92
CA GLN E 60 33.39 8.18 7.92
C GLN E 60 34.19 9.28 7.23
N LEU E 61 35.09 8.84 6.37
CA LEU E 61 35.98 9.75 5.66
C LEU E 61 35.18 10.74 4.84
N MET E 62 34.13 10.24 4.21
CA MET E 62 33.30 11.07 3.37
C MET E 62 32.68 12.21 4.19
N LEU E 63 32.01 11.88 5.28
CA LEU E 63 31.53 12.89 6.22
C LEU E 63 32.63 13.83 6.69
N ALA E 64 33.84 13.29 6.89
CA ALA E 64 34.98 14.10 7.29
C ALA E 64 35.35 15.15 6.23
N VAL E 65 35.40 14.74 4.96
CA VAL E 65 35.69 15.69 3.88
C VAL E 65 34.58 16.75 3.84
N HIS E 66 33.34 16.29 3.99
CA HIS E 66 32.18 17.16 3.93
C HIS E 66 32.11 18.19 5.05
N TYR E 67 32.43 17.78 6.28
CA TYR E 67 32.27 18.66 7.46
C TYR E 67 33.55 19.34 7.94
N GLN E 68 34.67 18.64 7.82
CA GLN E 68 35.96 19.20 8.21
C GLN E 68 36.65 19.93 7.07
N GLY E 69 36.21 19.68 5.83
CA GLY E 69 36.76 20.38 4.67
C GLY E 69 37.86 19.62 3.97
N LYS E 70 38.29 18.50 4.56
CA LYS E 70 39.29 17.64 3.96
C LYS E 70 39.51 16.40 4.82
N ALA E 71 40.00 15.33 4.21
CA ALA E 71 40.42 14.13 4.94
C ALA E 71 41.63 13.42 4.33
N ILE E 72 42.56 13.05 5.19
CA ILE E 72 43.72 12.23 4.79
C ILE E 72 43.29 10.79 4.55
N CYS E 73 43.24 10.40 3.27
CA CYS E 73 42.74 9.09 2.85
C CYS E 73 43.68 8.01 3.27
N GLY E 74 44.94 8.20 2.91
CA GLY E 74 45.98 7.24 3.20
C GLY E 74 47.30 7.97 3.26
N VAL E 75 48.28 7.29 3.81
CA VAL E 75 49.64 7.79 3.84
C VAL E 75 50.48 6.76 3.12
N PHE E 76 51.19 7.21 2.08
CA PHE E 76 51.94 6.33 1.18
C PHE E 76 53.35 6.86 0.97
N THR E 77 54.16 6.11 0.23
CA THR E 77 55.46 6.61 -0.18
C THR E 77 55.25 7.49 -1.41
N ALA E 78 56.21 8.39 -1.64
CA ALA E 78 56.22 9.32 -2.78
C ALA E 78 55.57 8.79 -4.08
N GLU E 79 56.23 7.81 -4.73
CA GLU E 79 55.76 7.26 -6.01
C GLU E 79 54.32 6.73 -5.99
N VAL E 80 53.99 5.95 -4.96
CA VAL E 80 52.63 5.41 -4.80
C VAL E 80 51.60 6.54 -4.64
N ALA E 81 51.96 7.57 -3.87
CA ALA E 81 51.07 8.70 -3.60
C ALA E 81 50.77 9.52 -4.86
N GLU E 82 51.81 9.75 -5.67
CA GLU E 82 51.66 10.42 -6.97
C GLU E 82 50.67 9.66 -7.85
N THR E 83 50.92 8.37 -8.02
CA THR E 83 50.04 7.50 -8.80
C THR E 83 48.59 7.61 -8.33
N LYS E 84 48.39 7.67 -7.01
CA LYS E 84 47.05 7.79 -6.44
C LYS E 84 46.41 9.12 -6.80
N VAL E 85 47.07 10.22 -6.42
CA VAL E 85 46.57 11.57 -6.69
C VAL E 85 46.11 11.67 -8.15
N ALA E 86 47.05 11.42 -9.05
CA ALA E 86 46.82 11.47 -10.51
C ALA E 86 45.72 10.54 -10.97
N MET E 87 45.60 9.39 -10.30
CA MET E 87 44.55 8.42 -10.59
C MET E 87 43.19 8.97 -10.19
N VAL E 88 43.13 9.49 -8.97
CA VAL E 88 41.90 10.01 -8.38
C VAL E 88 41.43 11.24 -9.15
N ASN E 89 42.38 12.07 -9.55
CA ASN E 89 42.03 13.24 -10.33
C ASN E 89 41.56 12.89 -11.74
N LYS E 90 42.19 11.86 -12.34
CA LYS E 90 41.81 11.40 -13.68
C LYS E 90 40.37 10.90 -13.67
N TYR E 91 40.07 10.03 -12.71
CA TYR E 91 38.74 9.42 -12.54
C TYR E 91 37.66 10.45 -12.27
N ALA E 92 38.02 11.48 -11.50
CA ALA E 92 37.10 12.54 -11.14
C ALA E 92 36.74 13.39 -12.35
N ARG E 93 37.75 13.73 -13.16
CA ARG E 93 37.57 14.55 -14.34
C ARG E 93 36.72 13.86 -15.41
N GLU E 94 36.91 12.56 -15.60
CA GLU E 94 36.13 11.82 -16.60
C GLU E 94 34.67 11.63 -16.18
N ASN E 95 34.43 11.59 -14.88
CA ASN E 95 33.07 11.56 -14.34
C ASN E 95 32.52 12.97 -14.09
N GLU E 96 33.27 13.95 -14.61
CA GLU E 96 32.84 15.35 -14.67
C GLU E 96 32.58 15.98 -13.28
N HIS E 97 33.41 15.62 -12.31
CA HIS E 97 33.33 16.19 -10.98
C HIS E 97 34.59 16.99 -10.69
N PRO E 98 34.47 18.07 -9.90
CA PRO E 98 35.62 18.91 -9.58
C PRO E 98 36.49 18.44 -8.41
N LEU E 99 36.27 17.23 -7.91
CA LEU E 99 36.96 16.73 -6.71
C LEU E 99 38.49 16.84 -6.83
N LEU E 100 39.09 17.62 -5.92
CA LEU E 100 40.52 17.82 -5.89
C LEU E 100 41.19 16.92 -4.85
N CYS E 101 42.19 16.16 -5.32
CA CYS E 101 42.87 15.18 -4.49
C CYS E 101 44.31 15.59 -4.50
N THR E 102 44.94 15.70 -3.32
CA THR E 102 46.26 16.34 -3.21
C THR E 102 47.35 15.61 -2.37
N LEU E 103 48.55 16.18 -2.42
CA LEU E 103 49.77 15.69 -1.75
C LEU E 103 50.32 16.80 -0.86
N GLU E 104 51.41 16.54 -0.13
CA GLU E 104 52.28 17.62 0.45
C GLU E 104 53.21 17.16 1.59
N LYS E 105 54.43 16.77 1.20
CA LYS E 105 55.51 16.11 2.03
C LYS E 105 55.20 15.58 3.47
N ALA E 106 56.22 15.25 4.26
CA ALA E 106 55.90 14.59 5.55
C ALA E 106 57.00 14.11 6.54
N GLY E 107 56.50 13.80 7.74
CA GLY E 107 57.10 12.95 8.77
C GLY E 107 55.98 12.02 9.26
N ALA E 108 54.86 12.04 8.52
CA ALA E 108 53.78 11.07 8.68
C ALA E 108 53.39 10.57 7.30
N LYS F 23 -55.60 7.95 -18.01
CA LYS F 23 -55.06 6.74 -17.29
C LYS F 23 -54.10 7.09 -16.09
N PRO F 24 -52.76 6.91 -16.22
CA PRO F 24 -52.04 7.11 -14.94
C PRO F 24 -50.56 7.59 -14.96
N PRO F 25 -50.13 8.50 -14.01
CA PRO F 25 -48.72 8.48 -13.54
C PRO F 25 -48.15 7.13 -13.29
N SER F 26 -47.32 6.73 -14.25
CA SER F 26 -46.56 5.50 -14.22
C SER F 26 -45.73 5.49 -12.94
N MET F 27 -46.05 4.56 -12.06
CA MET F 27 -45.30 4.40 -10.85
C MET F 27 -44.14 3.42 -11.10
N TYR F 28 -43.00 3.69 -10.47
CA TYR F 28 -41.87 2.79 -10.65
C TYR F 28 -41.26 2.32 -9.34
N LYS F 29 -41.13 1.00 -9.22
CA LYS F 29 -40.35 0.39 -8.10
C LYS F 29 -38.90 0.79 -8.27
N VAL F 30 -38.32 1.34 -7.22
CA VAL F 30 -36.87 1.53 -7.19
C VAL F 30 -36.23 0.41 -6.34
N ILE F 31 -35.55 -0.49 -7.02
CA ILE F 31 -35.03 -1.72 -6.42
C ILE F 31 -33.52 -1.73 -6.25
N LEU F 32 -33.06 -2.30 -5.14
CA LEU F 32 -31.61 -2.43 -4.83
C LEU F 32 -31.22 -3.88 -4.88
N VAL F 33 -30.27 -4.20 -5.74
CA VAL F 33 -29.91 -5.60 -6.01
C VAL F 33 -28.60 -6.06 -5.35
N ASN F 34 -28.64 -7.28 -4.81
CA ASN F 34 -27.55 -7.85 -4.00
C ASN F 34 -26.26 -8.19 -4.74
N ASP F 35 -25.14 -7.95 -4.06
CA ASP F 35 -23.83 -8.45 -4.49
C ASP F 35 -22.96 -8.74 -3.28
N ASP F 36 -22.04 -9.68 -3.43
CA ASP F 36 -21.18 -10.14 -2.35
C ASP F 36 -20.14 -9.15 -1.89
N TYR F 37 -20.13 -7.95 -2.44
CA TYR F 37 -19.00 -7.05 -2.27
C TYR F 37 -19.28 -5.72 -1.63
N THR F 38 -20.46 -5.18 -1.89
CA THR F 38 -20.85 -3.91 -1.30
C THR F 38 -21.06 -4.03 0.22
N PRO F 39 -20.23 -3.32 1.02
CA PRO F 39 -20.44 -3.22 2.46
C PRO F 39 -21.89 -2.87 2.80
N MET F 40 -22.35 -3.38 3.94
CA MET F 40 -23.65 -3.13 4.51
C MET F 40 -23.76 -1.72 5.01
N GLU F 41 -22.68 -1.16 5.54
CA GLU F 41 -22.65 0.25 5.95
C GLU F 41 -23.02 1.11 4.76
N PHE F 42 -22.50 0.75 3.60
CA PHE F 42 -22.68 1.54 2.41
C PHE F 42 -24.14 1.55 1.97
N VAL F 43 -24.76 0.37 1.97
CA VAL F 43 -26.17 0.25 1.67
C VAL F 43 -27.00 1.13 2.66
N ILE F 44 -26.60 1.13 3.93
CA ILE F 44 -27.27 1.97 4.90
C ILE F 44 -27.01 3.42 4.55
N ASP F 45 -25.80 3.74 4.12
CA ASP F 45 -25.47 5.09 3.71
C ASP F 45 -26.47 5.54 2.63
N VAL F 46 -26.55 4.75 1.57
CA VAL F 46 -27.48 4.93 0.46
C VAL F 46 -28.94 5.19 0.86
N LEU F 47 -29.45 4.38 1.78
CA LEU F 47 -30.85 4.40 2.14
C LEU F 47 -31.12 5.66 2.96
N GLN F 48 -30.13 6.11 3.70
CA GLN F 48 -30.28 7.34 4.45
C GLN F 48 -30.13 8.60 3.58
N LYS F 49 -29.29 8.50 2.55
CA LYS F 49 -28.89 9.67 1.78
C LYS F 49 -29.88 9.96 0.65
N PHE F 50 -30.42 8.89 0.07
CA PHE F 50 -31.23 9.04 -1.12
C PHE F 50 -32.69 8.63 -0.92
N PHE F 51 -33.01 8.14 0.27
CA PHE F 51 -34.40 7.77 0.55
C PHE F 51 -34.93 8.35 1.87
N SER F 52 -34.05 9.02 2.60
CA SER F 52 -34.38 9.64 3.89
C SER F 52 -34.99 8.69 4.91
N TYR F 53 -34.68 7.39 4.79
CA TYR F 53 -34.99 6.42 5.81
C TYR F 53 -34.17 6.69 7.05
N ASP F 54 -34.70 6.34 8.21
CA ASP F 54 -33.92 6.37 9.44
C ASP F 54 -33.08 5.10 9.57
N VAL F 55 -32.08 5.16 10.44
CA VAL F 55 -31.13 4.06 10.61
C VAL F 55 -31.82 2.73 10.84
N GLU F 56 -32.86 2.73 11.68
CA GLU F 56 -33.65 1.53 11.96
C GLU F 56 -34.15 0.87 10.67
N ARG F 57 -35.02 1.55 9.89
CA ARG F 57 -35.63 1.01 8.66
C ARG F 57 -34.58 0.63 7.63
N ALA F 58 -33.55 1.48 7.51
CA ALA F 58 -32.39 1.27 6.62
C ALA F 58 -31.80 -0.13 6.82
N THR F 59 -31.69 -0.57 8.08
CA THR F 59 -31.15 -1.88 8.37
C THR F 59 -32.08 -3.04 7.97
N GLN F 60 -33.39 -2.90 8.21
CA GLN F 60 -34.36 -3.86 7.71
C GLN F 60 -34.15 -4.11 6.24
N LEU F 61 -34.22 -3.03 5.45
CA LEU F 61 -34.02 -3.12 4.00
C LEU F 61 -32.67 -3.71 3.63
N MET F 62 -31.64 -3.24 4.32
CA MET F 62 -30.30 -3.79 4.10
C MET F 62 -30.24 -5.31 4.29
N LEU F 63 -30.75 -5.82 5.41
CA LEU F 63 -30.88 -7.27 5.64
C LEU F 63 -31.68 -7.95 4.56
N ALA F 64 -32.68 -7.24 4.04
CA ALA F 64 -33.55 -7.73 2.97
C ALA F 64 -32.78 -7.89 1.67
N VAL F 65 -32.02 -6.88 1.30
CA VAL F 65 -31.17 -7.01 0.13
C VAL F 65 -30.19 -8.18 0.33
N HIS F 66 -29.62 -8.27 1.53
CA HIS F 66 -28.63 -9.28 1.80
C HIS F 66 -29.17 -10.70 1.73
N TYR F 67 -30.36 -10.94 2.31
CA TYR F 67 -30.89 -12.31 2.47
C TYR F 67 -31.90 -12.73 1.43
N GLN F 68 -32.66 -11.75 0.92
CA GLN F 68 -33.64 -12.02 -0.12
C GLN F 68 -33.05 -11.84 -1.52
N GLY F 69 -31.97 -11.09 -1.63
CA GLY F 69 -31.33 -10.89 -2.94
C GLY F 69 -31.70 -9.57 -3.61
N LYS F 70 -32.66 -8.85 -3.01
CA LYS F 70 -33.09 -7.54 -3.48
C LYS F 70 -34.16 -6.94 -2.59
N ALA F 71 -34.29 -5.62 -2.60
CA ALA F 71 -35.30 -4.91 -1.83
C ALA F 71 -35.80 -3.64 -2.52
N ILE F 72 -37.13 -3.51 -2.58
CA ILE F 72 -37.79 -2.34 -3.13
C ILE F 72 -37.61 -1.25 -2.11
N CYS F 73 -36.79 -0.27 -2.43
CA CYS F 73 -36.51 0.86 -1.57
C CYS F 73 -37.66 1.83 -1.50
N GLY F 74 -38.20 2.15 -2.65
CA GLY F 74 -39.29 3.11 -2.69
C GLY F 74 -40.00 2.90 -3.98
N VAL F 75 -41.19 3.46 -4.06
CA VAL F 75 -41.97 3.48 -5.29
C VAL F 75 -42.22 4.93 -5.58
N PHE F 76 -41.83 5.33 -6.79
CA PHE F 76 -41.85 6.74 -7.23
C PHE F 76 -42.44 6.85 -8.63
N THR F 77 -42.61 8.10 -9.09
CA THR F 77 -43.05 8.32 -10.46
C THR F 77 -41.84 8.19 -11.37
N ALA F 78 -42.08 7.96 -12.66
CA ALA F 78 -41.03 7.75 -13.67
C ALA F 78 -39.80 8.66 -13.50
N GLU F 79 -40.02 9.98 -13.61
CA GLU F 79 -38.90 10.92 -13.61
C GLU F 79 -38.09 10.87 -12.31
N VAL F 80 -38.81 10.86 -11.19
CA VAL F 80 -38.18 10.78 -9.87
C VAL F 80 -37.37 9.48 -9.69
N ALA F 81 -37.92 8.38 -10.19
CA ALA F 81 -37.28 7.08 -10.13
C ALA F 81 -35.98 7.02 -10.92
N GLU F 82 -35.99 7.56 -12.14
CA GLU F 82 -34.79 7.68 -12.99
C GLU F 82 -33.70 8.47 -12.30
N THR F 83 -34.05 9.67 -11.83
CA THR F 83 -33.14 10.47 -11.03
C THR F 83 -32.47 9.68 -9.89
N LYS F 84 -33.25 8.86 -9.18
CA LYS F 84 -32.76 8.10 -8.03
C LYS F 84 -31.80 7.03 -8.47
N VAL F 85 -32.26 6.18 -9.39
CA VAL F 85 -31.46 5.08 -9.89
C VAL F 85 -30.08 5.63 -10.28
N ALA F 86 -30.06 6.53 -11.25
CA ALA F 86 -28.84 7.19 -11.73
C ALA F 86 -28.01 7.85 -10.64
N MET F 87 -28.66 8.38 -9.61
CA MET F 87 -28.01 9.01 -8.47
C MET F 87 -27.30 7.96 -7.64
N VAL F 88 -28.03 6.90 -7.30
CA VAL F 88 -27.54 5.81 -6.49
C VAL F 88 -26.39 5.12 -7.19
N ASN F 89 -26.52 4.97 -8.51
CA ASN F 89 -25.48 4.31 -9.29
C ASN F 89 -24.23 5.16 -9.38
N LYS F 90 -24.42 6.47 -9.48
CA LYS F 90 -23.31 7.41 -9.55
C LYS F 90 -22.50 7.35 -8.25
N TYR F 91 -23.20 7.50 -7.13
CA TYR F 91 -22.63 7.50 -5.80
C TYR F 91 -21.86 6.21 -5.48
N ALA F 92 -22.36 5.10 -6.02
CA ALA F 92 -21.80 3.79 -5.77
C ALA F 92 -20.52 3.62 -6.53
N ARG F 93 -20.51 4.11 -7.77
CA ARG F 93 -19.35 4.00 -8.63
C ARG F 93 -18.21 4.84 -8.12
N GLU F 94 -18.53 6.01 -7.58
CA GLU F 94 -17.49 6.89 -7.09
C GLU F 94 -16.89 6.38 -5.80
N ASN F 95 -17.68 5.63 -5.05
CA ASN F 95 -17.21 4.98 -3.82
C ASN F 95 -16.69 3.56 -4.12
N GLU F 96 -16.62 3.25 -5.41
CA GLU F 96 -15.94 2.08 -5.92
C GLU F 96 -16.59 0.79 -5.50
N HIS F 97 -17.92 0.82 -5.43
CA HIS F 97 -18.70 -0.36 -5.09
C HIS F 97 -19.53 -0.78 -6.29
N PRO F 98 -19.77 -2.09 -6.44
CA PRO F 98 -20.55 -2.57 -7.57
C PRO F 98 -22.09 -2.55 -7.40
N LEU F 99 -22.59 -1.92 -6.35
CA LEU F 99 -24.02 -1.95 -6.04
C LEU F 99 -24.91 -1.53 -7.23
N LEU F 100 -25.77 -2.44 -7.66
CA LEU F 100 -26.67 -2.18 -8.76
C LEU F 100 -28.06 -1.81 -8.26
N CYS F 101 -28.53 -0.65 -8.66
CA CYS F 101 -29.84 -0.12 -8.31
C CYS F 101 -30.64 0.03 -9.58
N THR F 102 -31.84 -0.56 -9.60
CA THR F 102 -32.62 -0.70 -10.83
C THR F 102 -34.05 -0.16 -10.81
N LEU F 103 -34.70 -0.21 -11.97
CA LEU F 103 -36.09 0.20 -12.20
C LEU F 103 -36.93 -1.00 -12.57
N GLU F 104 -38.21 -0.84 -12.25
CA GLU F 104 -39.22 -1.85 -12.49
C GLU F 104 -40.62 -1.19 -12.39
N LYS F 105 -41.47 -1.46 -13.39
CA LYS F 105 -42.79 -0.82 -13.54
C LYS F 105 -43.85 -1.37 -12.59
N ALA F 106 -44.19 -0.59 -11.57
CA ALA F 106 -45.12 -0.96 -10.50
C ALA F 106 -46.35 -1.80 -10.90
N GLY F 107 -47.54 -1.20 -10.76
CA GLY F 107 -48.82 -1.93 -10.69
C GLY F 107 -49.47 -1.57 -9.35
N ALA F 108 -48.96 -0.45 -8.81
CA ALA F 108 -49.29 0.11 -7.47
C ALA F 108 -48.08 0.14 -6.51
N PRO G 24 -18.94 -36.73 -34.69
CA PRO G 24 -17.54 -37.04 -34.86
C PRO G 24 -16.71 -36.86 -33.59
N PRO G 25 -15.41 -37.17 -33.63
CA PRO G 25 -14.52 -36.32 -32.83
C PRO G 25 -14.72 -34.81 -33.01
N SER G 26 -14.85 -34.14 -31.85
CA SER G 26 -15.44 -32.82 -31.64
C SER G 26 -14.39 -31.78 -31.21
N MET G 27 -14.25 -30.74 -32.05
CA MET G 27 -13.36 -29.62 -31.73
C MET G 27 -14.10 -28.66 -30.81
N TYR G 28 -13.36 -28.06 -29.87
CA TYR G 28 -13.96 -27.10 -28.96
C TYR G 28 -13.16 -25.82 -28.82
N LYS G 29 -13.80 -24.67 -29.13
CA LYS G 29 -13.20 -23.32 -28.90
C LYS G 29 -13.01 -23.15 -27.41
N VAL G 30 -11.81 -22.78 -27.00
CA VAL G 30 -11.55 -22.40 -25.62
C VAL G 30 -11.50 -20.88 -25.57
N ILE G 31 -12.52 -20.29 -24.94
CA ILE G 31 -12.75 -18.85 -24.95
C ILE G 31 -12.54 -18.23 -23.58
N LEU G 32 -11.95 -17.04 -23.61
CA LEU G 32 -11.67 -16.27 -22.42
C LEU G 32 -12.58 -15.02 -22.42
N VAL G 33 -13.37 -14.87 -21.36
CA VAL G 33 -14.41 -13.81 -21.31
C VAL G 33 -14.09 -12.64 -20.37
N ASN G 34 -14.32 -11.43 -20.86
CA ASN G 34 -13.96 -10.17 -20.20
C ASN G 34 -14.69 -9.85 -18.90
N ASP G 35 -13.97 -9.24 -17.96
CA ASP G 35 -14.56 -8.69 -16.75
C ASP G 35 -13.71 -7.50 -16.32
N ASP G 36 -14.31 -6.52 -15.64
CA ASP G 36 -13.63 -5.27 -15.30
C ASP G 36 -12.57 -5.43 -14.21
N TYR G 37 -12.34 -6.66 -13.76
CA TYR G 37 -11.61 -6.83 -12.50
C TYR G 37 -10.28 -7.59 -12.59
N THR G 38 -10.24 -8.59 -13.46
CA THR G 38 -9.05 -9.36 -13.64
C THR G 38 -7.91 -8.50 -14.25
N PRO G 39 -6.77 -8.44 -13.56
CA PRO G 39 -5.62 -7.73 -14.10
C PRO G 39 -5.26 -8.27 -15.46
N MET G 40 -4.57 -7.43 -16.25
CA MET G 40 -4.13 -7.80 -17.58
C MET G 40 -2.94 -8.71 -17.44
N GLU G 41 -2.08 -8.39 -16.46
CA GLU G 41 -0.89 -9.23 -16.19
C GLU G 41 -1.35 -10.65 -15.99
N PHE G 42 -2.48 -10.79 -15.31
CA PHE G 42 -2.95 -12.11 -14.99
C PHE G 42 -3.34 -12.89 -16.24
N VAL G 43 -4.13 -12.26 -17.11
CA VAL G 43 -4.53 -12.86 -18.39
C VAL G 43 -3.30 -13.24 -19.23
N ILE G 44 -2.28 -12.40 -19.19
CA ILE G 44 -0.98 -12.76 -19.77
C ILE G 44 -0.40 -14.00 -19.09
N ASP G 45 -0.44 -14.01 -17.77
CA ASP G 45 0.05 -15.14 -17.00
C ASP G 45 -0.63 -16.41 -17.54
N VAL G 46 -1.96 -16.39 -17.53
CA VAL G 46 -2.81 -17.45 -18.03
C VAL G 46 -2.43 -17.96 -19.42
N LEU G 47 -2.22 -17.02 -20.34
CA LEU G 47 -1.96 -17.34 -21.73
C LEU G 47 -0.59 -17.95 -21.95
N GLN G 48 0.37 -17.60 -21.10
CA GLN G 48 1.69 -18.22 -21.14
C GLN G 48 1.71 -19.54 -20.43
N LYS G 49 0.94 -19.67 -19.34
CA LYS G 49 1.01 -20.86 -18.49
C LYS G 49 0.27 -22.05 -19.06
N PHE G 50 -0.87 -21.78 -19.69
CA PHE G 50 -1.82 -22.83 -20.07
C PHE G 50 -2.01 -22.97 -21.59
N PHE G 51 -1.39 -22.08 -22.35
CA PHE G 51 -1.49 -22.13 -23.81
C PHE G 51 -0.14 -22.01 -24.48
N SER G 52 0.89 -21.75 -23.67
CA SER G 52 2.27 -21.70 -24.13
C SER G 52 2.52 -20.64 -25.20
N TYR G 53 1.66 -19.63 -25.24
CA TYR G 53 1.90 -18.47 -26.10
C TYR G 53 3.11 -17.72 -25.58
N ASP G 54 3.81 -17.04 -26.47
CA ASP G 54 4.87 -16.14 -26.04
C ASP G 54 4.28 -14.78 -25.63
N VAL G 55 5.08 -13.97 -24.95
CA VAL G 55 4.61 -12.72 -24.38
C VAL G 55 3.90 -11.85 -25.41
N GLU G 56 4.45 -11.81 -26.61
CA GLU G 56 3.93 -10.98 -27.70
C GLU G 56 2.48 -11.34 -28.02
N ARG G 57 2.22 -12.57 -28.47
CA ARG G 57 0.85 -13.06 -28.79
C ARG G 57 -0.12 -12.91 -27.62
N ALA G 58 0.40 -13.22 -26.44
CA ALA G 58 -0.36 -13.15 -25.20
C ALA G 58 -0.98 -11.78 -25.03
N THR G 59 -0.23 -10.75 -25.38
CA THR G 59 -0.73 -9.37 -25.31
C THR G 59 -1.79 -9.01 -26.37
N GLN G 60 -1.62 -9.51 -27.60
CA GLN G 60 -2.67 -9.43 -28.61
C GLN G 60 -3.98 -9.91 -28.01
N LEU G 61 -3.98 -11.18 -27.59
CA LEU G 61 -5.19 -11.82 -27.13
C LEU G 61 -5.75 -11.07 -25.93
N MET G 62 -4.84 -10.63 -25.07
CA MET G 62 -5.27 -9.90 -23.87
C MET G 62 -6.03 -8.62 -24.23
N LEU G 63 -5.49 -7.81 -25.13
CA LEU G 63 -6.18 -6.65 -25.64
C LEU G 63 -7.48 -7.01 -26.32
N ALA G 64 -7.52 -8.16 -26.97
CA ALA G 64 -8.74 -8.66 -27.61
C ALA G 64 -9.81 -8.96 -26.58
N VAL G 65 -9.46 -9.65 -25.50
CA VAL G 65 -10.42 -9.90 -24.45
C VAL G 65 -10.88 -8.56 -23.88
N HIS G 66 -9.94 -7.65 -23.73
CA HIS G 66 -10.27 -6.39 -23.11
C HIS G 66 -11.20 -5.50 -23.94
N TYR G 67 -11.00 -5.50 -25.25
CA TYR G 67 -11.71 -4.56 -26.13
C TYR G 67 -12.87 -5.17 -26.90
N GLN G 68 -12.72 -6.43 -27.28
CA GLN G 68 -13.78 -7.15 -27.96
C GLN G 68 -14.73 -7.85 -26.99
N GLY G 69 -14.27 -8.09 -25.76
CA GLY G 69 -15.13 -8.66 -24.72
C GLY G 69 -14.96 -10.15 -24.60
N LYS G 70 -14.15 -10.73 -25.49
CA LYS G 70 -13.78 -12.15 -25.42
C LYS G 70 -12.74 -12.50 -26.49
N ALA G 71 -11.97 -13.58 -26.24
CA ALA G 71 -11.03 -14.09 -27.25
C ALA G 71 -10.88 -15.60 -27.19
N ILE G 72 -10.93 -16.20 -28.37
CA ILE G 72 -10.69 -17.63 -28.51
C ILE G 72 -9.18 -17.89 -28.36
N CYS G 73 -8.81 -18.46 -27.21
CA CYS G 73 -7.41 -18.77 -26.91
C CYS G 73 -6.87 -19.86 -27.81
N GLY G 74 -7.58 -20.98 -27.85
CA GLY G 74 -7.15 -22.11 -28.63
C GLY G 74 -8.36 -22.92 -28.99
N VAL G 75 -8.18 -23.80 -29.98
CA VAL G 75 -9.20 -24.78 -30.35
C VAL G 75 -8.61 -26.17 -30.14
N PHE G 76 -9.30 -26.98 -29.34
CA PHE G 76 -8.81 -28.28 -28.87
C PHE G 76 -9.89 -29.31 -29.02
N THR G 77 -9.56 -30.57 -28.76
CA THR G 77 -10.57 -31.62 -28.72
C THR G 77 -11.26 -31.59 -27.37
N ALA G 78 -12.49 -32.07 -27.34
CA ALA G 78 -13.31 -32.16 -26.12
C ALA G 78 -12.54 -32.31 -24.80
N GLU G 79 -11.91 -33.46 -24.59
CA GLU G 79 -11.23 -33.77 -23.32
C GLU G 79 -10.14 -32.77 -22.95
N VAL G 80 -9.32 -32.40 -23.93
CA VAL G 80 -8.27 -31.41 -23.71
C VAL G 80 -8.87 -30.06 -23.32
N ALA G 81 -9.96 -29.69 -24.00
CA ALA G 81 -10.61 -28.40 -23.79
C ALA G 81 -11.21 -28.28 -22.39
N GLU G 82 -11.84 -29.36 -21.93
CA GLU G 82 -12.37 -29.44 -20.56
C GLU G 82 -11.24 -29.22 -19.56
N THR G 83 -10.17 -30.00 -19.69
CA THR G 83 -9.02 -29.89 -18.82
C THR G 83 -8.53 -28.45 -18.75
N LYS G 84 -8.52 -27.77 -19.89
CA LYS G 84 -8.05 -26.39 -19.93
C LYS G 84 -8.95 -25.43 -19.17
N VAL G 85 -10.23 -25.43 -19.55
CA VAL G 85 -11.24 -24.58 -18.92
C VAL G 85 -11.13 -24.72 -17.41
N ALA G 86 -11.30 -25.94 -16.91
CA ALA G 86 -11.25 -26.23 -15.48
C ALA G 86 -9.93 -25.80 -14.84
N MET G 87 -8.85 -25.89 -15.61
CA MET G 87 -7.52 -25.56 -15.15
C MET G 87 -7.43 -24.06 -14.98
N VAL G 88 -7.87 -23.36 -16.03
CA VAL G 88 -7.84 -21.92 -16.08
C VAL G 88 -8.73 -21.33 -15.01
N ASN G 89 -9.88 -21.99 -14.79
CA ASN G 89 -10.79 -21.56 -13.74
C ASN G 89 -10.28 -21.85 -12.33
N LYS G 90 -9.53 -22.95 -12.19
CA LYS G 90 -9.00 -23.30 -10.89
C LYS G 90 -7.97 -22.26 -10.45
N TYR G 91 -7.09 -21.95 -11.40
CA TYR G 91 -5.96 -21.05 -11.24
C TYR G 91 -6.42 -19.64 -10.92
N ALA G 92 -7.53 -19.27 -11.54
CA ALA G 92 -8.10 -17.95 -11.39
C ALA G 92 -8.69 -17.77 -10.00
N ARG G 93 -9.43 -18.78 -9.59
CA ARG G 93 -10.07 -18.76 -8.29
C ARG G 93 -9.07 -18.73 -7.15
N GLU G 94 -7.98 -19.46 -7.28
CA GLU G 94 -6.99 -19.44 -6.22
C GLU G 94 -6.22 -18.13 -6.13
N ASN G 95 -6.09 -17.44 -7.27
CA ASN G 95 -5.48 -16.11 -7.28
C ASN G 95 -6.54 -15.02 -7.13
N GLU G 96 -7.75 -15.45 -6.79
CA GLU G 96 -8.80 -14.57 -6.32
C GLU G 96 -9.29 -13.59 -7.37
N HIS G 97 -9.36 -14.08 -8.60
CA HIS G 97 -9.83 -13.28 -9.73
C HIS G 97 -11.07 -13.93 -10.29
N PRO G 98 -12.00 -13.12 -10.84
CA PRO G 98 -13.25 -13.64 -11.36
C PRO G 98 -13.20 -14.14 -12.81
N LEU G 99 -12.01 -14.18 -13.43
CA LEU G 99 -11.88 -14.50 -14.84
C LEU G 99 -12.62 -15.77 -15.24
N LEU G 100 -13.56 -15.63 -16.17
CA LEU G 100 -14.33 -16.76 -16.65
C LEU G 100 -13.83 -17.28 -17.98
N CYS G 101 -13.44 -18.56 -18.01
CA CYS G 101 -12.94 -19.23 -19.22
C CYS G 101 -13.93 -20.31 -19.60
N THR G 102 -14.30 -20.38 -20.88
CA THR G 102 -15.47 -21.19 -21.23
C THR G 102 -15.33 -22.04 -22.47
N LEU G 103 -16.31 -22.93 -22.63
CA LEU G 103 -16.36 -23.86 -23.74
C LEU G 103 -17.43 -23.37 -24.69
N GLU G 104 -17.21 -23.53 -25.98
CA GLU G 104 -18.38 -23.49 -26.84
C GLU G 104 -18.26 -24.66 -27.80
N LYS G 105 -19.31 -24.90 -28.61
CA LYS G 105 -19.29 -25.94 -29.64
C LYS G 105 -19.06 -25.34 -31.03
N ALA G 106 -17.79 -25.12 -31.42
CA ALA G 106 -17.47 -24.57 -32.77
C ALA G 106 -17.98 -25.55 -33.78
N LEU H 1 8.10 4.09 26.31
CA LEU H 1 8.00 5.55 26.01
C LEU H 1 8.90 6.35 26.95
N LEU H 2 9.27 7.57 26.55
CA LEU H 2 10.02 8.46 27.45
C LEU H 2 9.08 9.03 28.49
N THR H 3 9.58 9.98 29.29
CA THR H 3 8.72 10.67 30.25
C THR H 3 8.79 12.23 30.15
N LEU I 1 18.10 7.86 10.45
CA LEU I 1 18.76 6.56 10.80
C LEU I 1 20.02 6.76 11.62
N LEU I 2 20.70 5.67 11.99
CA LEU I 2 22.05 5.72 12.64
C LEU I 2 23.13 5.36 11.61
N THR I 3 24.34 5.97 11.64
CA THR I 3 25.44 5.66 10.61
C THR I 3 26.05 4.26 10.57
N LEU J 1 -1.43 5.18 -26.19
CA LEU J 1 -0.50 4.35 -27.01
C LEU J 1 -1.30 3.42 -27.96
N LEU J 2 -0.88 3.37 -29.21
CA LEU J 2 -1.55 2.59 -30.23
C LEU J 2 -1.68 1.12 -29.87
N THR J 3 -2.90 0.61 -29.80
CA THR J 3 -3.10 -0.85 -29.63
C THR J 3 -1.82 -1.62 -29.18
N LEU K 1 -27.85 -13.43 15.68
CA LEU K 1 -28.97 -12.75 16.41
C LEU K 1 -30.39 -13.13 15.92
N LEU K 2 -31.39 -12.38 16.35
CA LEU K 2 -32.74 -12.47 15.75
C LEU K 2 -32.86 -11.41 14.71
N THR K 3 -32.88 -11.81 13.43
CA THR K 3 -32.66 -10.83 12.33
C THR K 3 -33.78 -9.78 12.15
N LEU L 1 30.37 18.29 -0.23
CA LEU L 1 29.87 17.12 -1.02
C LEU L 1 28.32 16.84 -0.86
N LEU L 2 27.52 17.11 -1.91
CA LEU L 2 26.05 16.91 -1.83
C LEU L 2 25.69 15.49 -1.45
N THR L 3 25.13 15.35 -0.27
CA THR L 3 24.36 14.16 0.03
C THR L 3 23.83 13.40 -1.20
N LEU M 1 -24.03 -9.25 0.87
CA LEU M 1 -23.30 -7.97 0.94
C LEU M 1 -22.04 -8.26 1.73
N LEU M 2 -21.46 -7.20 2.30
CA LEU M 2 -20.36 -7.34 3.22
C LEU M 2 -20.54 -6.80 4.64
N THR M 3 -20.47 -7.79 5.51
CA THR M 3 -20.63 -7.63 6.93
C THR M 3 -19.50 -6.80 7.56
N LEU N 1 -10.89 -5.93 -18.66
CA LEU N 1 -9.85 -6.41 -17.73
C LEU N 1 -9.37 -5.29 -16.84
N LEU N 2 -8.55 -5.61 -15.84
CA LEU N 2 -7.77 -4.59 -15.09
C LEU N 2 -6.33 -4.59 -15.52
#